data_4XMH
#
_entry.id   4XMH
#
_cell.length_a   38.374
_cell.length_b   66.929
_cell.length_c   38.885
_cell.angle_alpha   90.00
_cell.angle_beta   116.79
_cell.angle_gamma   90.00
#
_symmetry.space_group_name_H-M   'P 1 21 1'
#
loop_
_entity.id
_entity.type
_entity.pdbx_description
1 polymer Nitrophorin-7
2 polymer GLY-GLY-GLY
3 non-polymer 'PROTOPORPHYRIN IX CONTAINING FE'
4 non-polymer GLYCEROL
5 water water
#
loop_
_entity_poly.entity_id
_entity_poly.type
_entity_poly.pdbx_seq_one_letter_code
_entity_poly.pdbx_strand_id
1 'polypeptide(L)'
;LPGECSVNVIPKKNLDKAKFFSGTWYETHYLDMDPQATEKFCFSFAPRESGGTVKEALYHFNVDSKVSFYNTGTGPLESN
GAKYTAKFNTVDKKGKEIKPADEKYSYTVTVIEAAKQSALIHICLQEDGKDIGDLYSVLNRNKNALPNKKIKKALNKVSL
VLTKFVVTKDLDCKYDDKFLSSWQK
;
A
2 'polypeptide(L)' GGG B
#
loop_
_chem_comp.id
_chem_comp.type
_chem_comp.name
_chem_comp.formula
GOL non-polymer GLYCEROL 'C3 H8 O3'
HEM non-polymer 'PROTOPORPHYRIN IX CONTAINING FE' 'C34 H32 Fe N4 O4'
#
# COMPACT_ATOMS: atom_id res chain seq x y z
N LEU A 1 19.19 8.72 -1.49
CA LEU A 1 19.64 7.47 -2.10
C LEU A 1 18.64 6.34 -1.85
N PRO A 2 18.62 5.33 -2.73
CA PRO A 2 17.80 4.14 -2.52
C PRO A 2 18.05 3.55 -1.14
N GLY A 3 16.98 3.18 -0.43
CA GLY A 3 17.11 2.63 0.91
C GLY A 3 16.68 3.60 1.99
N GLU A 4 16.94 4.89 1.78
CA GLU A 4 16.42 5.91 2.67
C GLU A 4 15.04 6.33 2.19
N CYS A 5 14.08 6.41 3.11
CA CYS A 5 12.72 6.77 2.73
C CYS A 5 12.61 8.24 2.34
N SER A 6 11.73 8.50 1.37
CA SER A 6 11.57 9.82 0.79
C SER A 6 11.17 10.87 1.82
N VAL A 7 11.66 12.09 1.62
CA VAL A 7 11.19 13.22 2.39
C VAL A 7 10.01 13.86 1.66
N ASN A 8 9.33 14.77 2.33
CA ASN A 8 8.20 15.48 1.75
C ASN A 8 7.00 14.57 1.46
N VAL A 9 6.87 13.51 2.23
CA VAL A 9 5.69 12.66 2.13
C VAL A 9 4.67 13.19 3.13
N ILE A 10 3.65 13.88 2.62
CA ILE A 10 2.71 14.62 3.46
C ILE A 10 1.37 13.90 3.59
N PRO A 11 0.98 13.56 4.82
CA PRO A 11 -0.35 12.97 5.00
C PRO A 11 -1.47 13.93 4.57
N LYS A 12 -2.47 13.39 3.88
CA LYS A 12 -3.66 14.18 3.53
C LYS A 12 -4.23 14.84 4.78
N LYS A 13 -4.64 16.11 4.66
CA LYS A 13 -5.36 16.77 5.73
C LYS A 13 -6.80 16.27 5.73
N ASN A 14 -7.33 15.90 6.90
CA ASN A 14 -8.73 15.48 7.00
C ASN A 14 -9.16 14.37 6.02
N LEU A 15 -8.35 13.31 5.91
CA LEU A 15 -8.79 12.11 5.21
C LEU A 15 -10.09 11.63 5.83
N ASP A 16 -11.06 11.24 5.00
CA ASP A 16 -12.27 10.59 5.50
C ASP A 16 -11.93 9.13 5.82
N LYS A 17 -11.84 8.83 7.11
CA LYS A 17 -11.38 7.51 7.55
C LYS A 17 -12.35 6.39 7.19
N ALA A 18 -13.65 6.63 7.40
CA ALA A 18 -14.62 5.58 7.13
C ALA A 18 -14.63 5.19 5.66
N LYS A 19 -14.37 6.14 4.78
CA LYS A 19 -14.36 5.84 3.36
C LYS A 19 -13.06 5.17 2.94
N PHE A 20 -11.92 5.72 3.35
CA PHE A 20 -10.66 5.14 2.96
C PHE A 20 -10.46 3.74 3.55
N PHE A 21 -10.72 3.62 4.85
CA PHE A 21 -10.54 2.35 5.54
C PHE A 21 -11.78 1.47 5.38
N SER A 22 -12.08 1.17 4.14
CA SER A 22 -13.21 0.32 3.81
C SER A 22 -12.95 -0.32 2.46
N GLY A 23 -13.64 -1.42 2.20
CA GLY A 23 -13.58 -2.11 0.93
C GLY A 23 -12.19 -2.59 0.54
N THR A 24 -11.98 -2.72 -0.77
CA THR A 24 -10.74 -3.23 -1.33
C THR A 24 -10.13 -2.17 -2.24
N TRP A 25 -8.83 -1.97 -2.09
CA TRP A 25 -8.08 -1.08 -2.96
C TRP A 25 -7.14 -1.89 -3.85
N TYR A 26 -7.09 -1.57 -5.14
CA TYR A 26 -6.13 -2.17 -6.05
C TYR A 26 -5.03 -1.17 -6.40
N GLU A 27 -3.79 -1.61 -6.35
CA GLU A 27 -2.72 -0.83 -6.95
C GLU A 27 -2.89 -0.81 -8.46
N THR A 28 -2.82 0.37 -9.05
CA THR A 28 -2.86 0.49 -10.52
C THR A 28 -1.51 0.91 -11.09
N HIS A 29 -0.75 1.64 -10.29
CA HIS A 29 0.56 2.15 -10.69
C HIS A 29 1.44 2.12 -9.45
N TYR A 30 2.71 1.78 -9.61
CA TYR A 30 3.61 1.90 -8.46
C TYR A 30 4.99 2.34 -8.87
N LEU A 31 5.70 2.93 -7.92
CA LEU A 31 7.07 3.34 -8.13
C LEU A 31 7.91 2.95 -6.91
N ASP A 32 8.72 1.91 -7.06
CA ASP A 32 9.72 1.60 -6.05
C ASP A 32 10.86 2.59 -6.26
N MET A 33 11.30 3.25 -5.19
CA MET A 33 12.32 4.28 -5.34
C MET A 33 13.73 3.73 -5.57
N ASP A 34 13.88 2.41 -5.54
CA ASP A 34 15.13 1.77 -5.94
C ASP A 34 14.99 1.42 -7.42
N PRO A 35 15.80 2.06 -8.27
CA PRO A 35 15.66 1.83 -9.72
C PRO A 35 15.99 0.40 -10.13
N GLN A 36 16.67 -0.35 -9.27
CA GLN A 36 17.03 -1.72 -9.59
C GLN A 36 15.95 -2.72 -9.18
N ALA A 37 14.93 -2.23 -8.48
CA ALA A 37 13.83 -3.11 -8.06
C ALA A 37 12.84 -3.22 -9.21
N THR A 38 13.05 -4.21 -10.06
CA THR A 38 12.30 -4.29 -11.32
C THR A 38 11.45 -5.55 -11.45
N GLU A 39 11.31 -6.30 -10.35
CA GLU A 39 10.36 -7.41 -10.31
C GLU A 39 8.95 -6.87 -10.51
N LYS A 40 8.15 -7.53 -11.33
CA LYS A 40 6.77 -7.10 -11.54
C LYS A 40 5.82 -7.76 -10.54
N PHE A 41 5.02 -6.94 -9.85
CA PHE A 41 4.08 -7.43 -8.85
C PHE A 41 2.73 -6.76 -8.98
N CYS A 42 1.70 -7.44 -8.51
CA CYS A 42 0.38 -6.85 -8.35
C CYS A 42 0.05 -6.83 -6.86
N PHE A 43 -0.70 -5.82 -6.43
CA PHE A 43 -0.99 -5.63 -5.00
C PHE A 43 -2.43 -5.18 -4.80
N SER A 44 -3.04 -5.68 -3.74
CA SER A 44 -4.35 -5.19 -3.34
C SER A 44 -4.44 -5.32 -1.83
N PHE A 45 -5.29 -4.51 -1.19
CA PHE A 45 -5.43 -4.61 0.27
C PHE A 45 -6.78 -4.12 0.75
N ALA A 46 -7.10 -4.47 1.99
CA ALA A 46 -8.37 -4.11 2.63
C ALA A 46 -8.03 -3.54 4.00
N PRO A 47 -7.88 -2.22 4.09
CA PRO A 47 -7.51 -1.61 5.36
C PRO A 47 -8.75 -1.22 6.16
N ARG A 48 -8.70 -1.43 7.47
CA ARG A 48 -9.80 -1.09 8.35
C ARG A 48 -9.25 -0.33 9.55
N GLU A 49 -10.10 0.47 10.18
CA GLU A 49 -9.65 1.22 11.34
C GLU A 49 -10.75 1.24 12.39
N SER A 50 -10.33 1.15 13.65
CA SER A 50 -11.25 1.23 14.78
C SER A 50 -10.50 1.64 16.03
N GLY A 51 -11.01 2.66 16.72
CA GLY A 51 -10.42 3.11 17.96
C GLY A 51 -8.97 3.54 17.87
N GLY A 52 -8.56 3.97 16.67
CA GLY A 52 -7.21 4.47 16.48
C GLY A 52 -6.21 3.38 16.12
N THR A 53 -6.70 2.17 15.88
CA THR A 53 -5.85 1.07 15.42
C THR A 53 -6.24 0.65 14.01
N VAL A 54 -5.25 0.52 13.14
CA VAL A 54 -5.47 0.02 11.80
C VAL A 54 -5.23 -1.48 11.78
N LYS A 55 -6.15 -2.22 11.15
CA LYS A 55 -5.99 -3.65 10.92
C LYS A 55 -6.26 -3.88 9.45
N GLU A 56 -5.25 -4.32 8.71
CA GLU A 56 -5.40 -4.46 7.27
C GLU A 56 -4.98 -5.85 6.80
N ALA A 57 -5.62 -6.30 5.73
CA ALA A 57 -5.24 -7.53 5.03
C ALA A 57 -4.56 -7.15 3.73
N LEU A 58 -3.42 -7.79 3.46
CA LEU A 58 -2.63 -7.48 2.27
C LEU A 58 -2.54 -8.68 1.34
N TYR A 59 -2.49 -8.41 0.04
CA TYR A 59 -2.33 -9.44 -0.98
C TYR A 59 -1.29 -8.97 -2.00
N HIS A 60 -0.28 -9.81 -2.25
CA HIS A 60 0.70 -9.55 -3.30
C HIS A 60 0.75 -10.72 -4.26
N PHE A 61 1.00 -10.45 -5.54
CA PHE A 61 1.15 -11.49 -6.54
C PHE A 61 2.40 -11.22 -7.35
N ASN A 62 3.31 -12.17 -7.34
CA ASN A 62 4.55 -12.11 -8.10
C ASN A 62 4.25 -12.56 -9.52
N VAL A 63 4.30 -11.63 -10.47
CA VAL A 63 3.91 -11.93 -11.84
C VAL A 63 4.81 -12.96 -12.50
N ASP A 64 6.09 -12.94 -12.16
CA ASP A 64 7.07 -13.84 -12.76
C ASP A 64 6.98 -15.28 -12.26
N SER A 65 6.83 -15.43 -10.95
CA SER A 65 6.81 -16.76 -10.33
C SER A 65 5.40 -17.33 -10.23
N LYS A 66 4.40 -16.46 -10.37
CA LYS A 66 2.98 -16.83 -10.23
C LYS A 66 2.64 -17.24 -8.80
N VAL A 67 3.46 -16.79 -7.86
CA VAL A 67 3.23 -17.09 -6.45
C VAL A 67 2.62 -15.87 -5.74
N SER A 68 1.58 -16.11 -4.98
CA SER A 68 0.96 -15.06 -4.19
C SER A 68 1.37 -15.19 -2.74
N PHE A 69 1.29 -14.08 -2.01
CA PHE A 69 1.43 -14.16 -0.56
C PHE A 69 0.49 -13.21 0.15
N TYR A 70 0.11 -13.60 1.36
CA TYR A 70 -0.91 -12.91 2.13
C TYR A 70 -0.32 -12.47 3.47
N ASN A 71 -0.61 -11.25 3.87
CA ASN A 71 -0.15 -10.74 5.16
C ASN A 71 -1.28 -10.03 5.86
N THR A 72 -1.15 -9.84 7.16
CA THR A 72 -1.99 -8.85 7.85
C THR A 72 -1.10 -7.90 8.62
N GLY A 73 -1.53 -6.64 8.69
CA GLY A 73 -0.78 -5.62 9.40
C GLY A 73 -1.64 -4.94 10.44
N THR A 74 -1.03 -4.59 11.56
CA THR A 74 -1.75 -3.93 12.64
C THR A 74 -0.88 -2.86 13.28
N GLY A 75 -1.44 -1.68 13.52
CA GLY A 75 -0.71 -0.66 14.22
C GLY A 75 -1.50 0.62 14.41
N PRO A 76 -0.97 1.53 15.21
CA PRO A 76 -1.70 2.75 15.56
C PRO A 76 -1.74 3.78 14.44
N LEU A 77 -2.90 4.42 14.30
CA LEU A 77 -3.09 5.54 13.39
C LEU A 77 -2.60 6.79 14.09
N GLU A 78 -1.81 7.60 13.38
CA GLU A 78 -1.34 8.86 13.96
C GLU A 78 -2.48 9.85 14.14
N SER A 79 -2.24 10.86 14.97
CA SER A 79 -3.24 11.89 15.25
C SER A 79 -3.74 12.59 13.99
N ASN A 80 -2.89 12.68 12.97
CA ASN A 80 -3.28 13.31 11.71
C ASN A 80 -4.34 12.52 10.94
N GLY A 81 -4.53 11.26 11.31
CA GLY A 81 -5.58 10.43 10.72
C GLY A 81 -5.28 9.89 9.33
N ALA A 82 -4.04 10.01 8.86
CA ALA A 82 -3.72 9.59 7.51
C ALA A 82 -2.35 8.94 7.39
N LYS A 83 -1.85 8.42 8.51
CA LYS A 83 -0.54 7.79 8.54
C LYS A 83 -0.55 6.76 9.66
N TYR A 84 0.05 5.60 9.41
CA TYR A 84 0.12 4.56 10.42
C TYR A 84 1.36 3.70 10.26
N THR A 85 1.81 3.12 11.36
CA THR A 85 2.97 2.22 11.36
C THR A 85 2.50 0.87 11.86
N ALA A 86 2.77 -0.17 11.09
CA ALA A 86 2.22 -1.49 11.37
C ALA A 86 3.30 -2.54 11.54
N LYS A 87 3.01 -3.52 12.39
CA LYS A 87 3.72 -4.78 12.42
C LYS A 87 2.88 -5.77 11.62
N PHE A 88 3.52 -6.80 11.07
CA PHE A 88 2.82 -7.67 10.14
C PHE A 88 3.20 -9.13 10.30
N ASN A 89 2.24 -10.01 10.03
CA ASN A 89 2.50 -11.43 10.01
C ASN A 89 2.20 -11.96 8.61
N THR A 90 2.30 -13.27 8.46
CA THR A 90 2.03 -13.94 7.20
C THR A 90 0.89 -14.92 7.43
N VAL A 91 -0.11 -14.89 6.56
CA VAL A 91 -1.26 -15.79 6.69
C VAL A 91 -1.45 -16.58 5.40
N ASP A 92 -2.28 -17.62 5.46
CA ASP A 92 -2.69 -18.30 4.24
C ASP A 92 -3.95 -17.66 3.69
N LYS A 93 -4.49 -18.24 2.62
CA LYS A 93 -5.65 -17.67 1.92
C LYS A 93 -6.91 -17.74 2.77
N LYS A 94 -6.89 -18.58 3.80
CA LYS A 94 -8.02 -18.72 4.70
C LYS A 94 -7.86 -17.80 5.91
N GLY A 95 -6.75 -17.09 5.95
CA GLY A 95 -6.48 -16.13 7.00
C GLY A 95 -5.78 -16.70 8.23
N LYS A 96 -5.39 -17.96 8.17
CA LYS A 96 -4.67 -18.59 9.27
C LYS A 96 -3.21 -18.13 9.27
N GLU A 97 -2.69 -17.79 10.44
CA GLU A 97 -1.29 -17.40 10.53
C GLU A 97 -0.36 -18.56 10.19
N ILE A 98 0.55 -18.34 9.25
CA ILE A 98 1.52 -19.37 8.87
C ILE A 98 2.95 -18.97 9.19
N LYS A 99 3.15 -17.68 9.46
CA LYS A 99 4.42 -17.20 9.99
C LYS A 99 4.14 -16.01 10.88
N PRO A 100 4.68 -16.00 12.09
CA PRO A 100 4.39 -14.91 13.03
C PRO A 100 5.13 -13.62 12.66
N ALA A 101 4.70 -12.51 13.25
CA ALA A 101 5.36 -11.23 13.03
C ALA A 101 6.81 -11.30 13.51
N ASP A 102 7.71 -10.75 12.70
CA ASP A 102 9.09 -10.55 13.10
C ASP A 102 9.18 -9.13 13.65
N GLU A 103 9.42 -9.04 14.95
CA GLU A 103 9.40 -7.77 15.67
C GLU A 103 10.32 -6.70 15.08
N LYS A 104 11.39 -7.12 14.41
CA LYS A 104 12.34 -6.16 13.88
C LYS A 104 11.84 -5.40 12.65
N TYR A 105 10.80 -5.91 12.00
CA TYR A 105 10.29 -5.26 10.80
C TYR A 105 9.00 -4.51 11.05
N SER A 106 8.84 -3.39 10.36
CA SER A 106 7.59 -2.65 10.38
C SER A 106 7.48 -1.88 9.09
N TYR A 107 6.31 -1.32 8.84
CA TYR A 107 6.17 -0.41 7.72
C TYR A 107 5.30 0.77 8.11
N THR A 108 5.51 1.88 7.43
CA THR A 108 4.74 3.08 7.68
C THR A 108 4.05 3.52 6.41
N VAL A 109 2.73 3.51 6.45
CA VAL A 109 1.92 3.96 5.33
C VAL A 109 1.46 5.40 5.53
N THR A 110 1.66 6.23 4.52
CA THR A 110 1.09 7.57 4.51
C THR A 110 0.08 7.66 3.38
N VAL A 111 -1.14 8.07 3.71
CA VAL A 111 -2.13 8.35 2.66
C VAL A 111 -1.96 9.80 2.24
N ILE A 112 -1.36 10.01 1.06
CA ILE A 112 -1.01 11.35 0.61
C ILE A 112 -2.24 12.07 0.04
N GLU A 113 -3.05 11.36 -0.74
CA GLU A 113 -4.22 11.98 -1.35
C GLU A 113 -5.30 10.92 -1.57
N ALA A 114 -6.56 11.34 -1.55
CA ALA A 114 -7.67 10.48 -1.89
C ALA A 114 -8.72 11.36 -2.56
N ALA A 115 -9.27 10.89 -3.66
CA ALA A 115 -10.24 11.67 -4.43
C ALA A 115 -11.06 10.69 -5.27
N LYS A 116 -12.38 10.83 -5.23
CA LYS A 116 -13.26 9.96 -6.00
C LYS A 116 -12.94 8.49 -5.68
N GLN A 117 -12.59 7.70 -6.69
CA GLN A 117 -12.32 6.28 -6.45
C GLN A 117 -10.83 6.00 -6.47
N SER A 118 -10.03 7.05 -6.25
CA SER A 118 -8.57 7.00 -6.37
C SER A 118 -7.88 7.36 -5.06
N ALA A 119 -6.64 6.90 -4.91
CA ALA A 119 -5.83 7.36 -3.79
C ALA A 119 -4.36 7.23 -4.15
N LEU A 120 -3.52 7.90 -3.36
CA LEU A 120 -2.08 7.82 -3.51
C LEU A 120 -1.51 7.55 -2.13
N ILE A 121 -0.78 6.45 -2.01
CA ILE A 121 -0.12 6.13 -0.75
C ILE A 121 1.37 5.99 -0.93
N HIS A 122 2.07 6.06 0.20
CA HIS A 122 3.50 5.85 0.24
C HIS A 122 3.78 4.88 1.36
N ILE A 123 4.70 3.94 1.13
CA ILE A 123 5.09 3.03 2.19
C ILE A 123 6.59 3.08 2.41
N CYS A 124 6.99 3.23 3.67
CA CYS A 124 8.39 3.17 4.09
C CYS A 124 8.57 1.91 4.91
N LEU A 125 9.39 0.99 4.42
CA LEU A 125 9.67 -0.23 5.15
C LEU A 125 10.88 0.01 6.03
N GLN A 126 10.86 -0.53 7.24
CA GLN A 126 11.92 -0.30 8.21
C GLN A 126 12.35 -1.59 8.91
N GLU A 127 13.60 -1.61 9.32
CA GLU A 127 14.15 -2.69 10.14
C GLU A 127 14.74 -2.02 11.37
N ASP A 128 14.27 -2.44 12.55
CA ASP A 128 14.69 -1.80 13.82
C ASP A 128 14.49 -0.27 13.79
N GLY A 129 13.41 0.18 13.16
CA GLY A 129 13.13 1.61 13.08
C GLY A 129 14.00 2.40 12.13
N LYS A 130 14.84 1.72 11.36
CA LYS A 130 15.67 2.38 10.35
C LYS A 130 15.17 2.08 8.95
N ASP A 131 15.19 3.09 8.09
CA ASP A 131 14.69 2.94 6.71
C ASP A 131 15.43 1.83 5.97
N ILE A 132 14.67 0.98 5.30
CA ILE A 132 15.29 0.05 4.34
C ILE A 132 14.83 0.27 2.91
N GLY A 133 13.73 0.98 2.71
CA GLY A 133 13.29 1.27 1.36
C GLY A 133 11.85 1.77 1.30
N ASP A 134 11.46 2.30 0.16
CA ASP A 134 10.15 2.91 0.05
C ASP A 134 9.56 2.83 -1.34
N LEU A 135 8.25 3.02 -1.41
CA LEU A 135 7.51 2.85 -2.65
C LEU A 135 6.28 3.75 -2.61
N TYR A 136 5.91 4.31 -3.76
CA TYR A 136 4.63 4.99 -3.90
C TYR A 136 3.67 4.13 -4.70
N SER A 137 2.39 4.19 -4.37
CA SER A 137 1.39 3.47 -5.14
C SER A 137 0.14 4.29 -5.37
N VAL A 138 -0.30 4.29 -6.62
CA VAL A 138 -1.61 4.79 -6.96
C VAL A 138 -2.61 3.66 -6.79
N LEU A 139 -3.69 3.93 -6.08
CA LEU A 139 -4.75 2.96 -5.80
C LEU A 139 -6.04 3.33 -6.50
N ASN A 140 -6.85 2.34 -6.82
CA ASN A 140 -8.20 2.59 -7.33
C ASN A 140 -9.13 1.49 -6.86
N ARG A 141 -10.42 1.82 -6.76
CA ARG A 141 -11.43 0.83 -6.47
C ARG A 141 -11.61 -0.16 -7.62
N ASN A 142 -11.23 0.27 -8.82
CA ASN A 142 -11.36 -0.55 -10.04
C ASN A 142 -9.98 -0.80 -10.63
N LYS A 143 -9.64 -2.07 -10.83
CA LYS A 143 -8.36 -2.50 -11.34
C LYS A 143 -7.91 -1.75 -12.60
N ASN A 144 -8.85 -1.50 -13.51
CA ASN A 144 -8.48 -0.96 -14.82
C ASN A 144 -8.60 0.55 -14.98
N ALA A 145 -8.87 1.25 -13.87
CA ALA A 145 -9.17 2.68 -13.95
C ALA A 145 -7.94 3.58 -13.82
N LEU A 146 -8.02 4.76 -14.42
CA LEU A 146 -6.96 5.75 -14.35
C LEU A 146 -7.22 6.69 -13.18
N PRO A 147 -6.16 7.28 -12.63
CA PRO A 147 -6.34 8.09 -11.41
C PRO A 147 -6.97 9.45 -11.66
N ASN A 148 -7.68 9.92 -10.65
CA ASN A 148 -8.17 11.28 -10.60
C ASN A 148 -7.00 12.27 -10.71
N LYS A 149 -7.22 13.42 -11.33
CA LYS A 149 -6.16 14.40 -11.50
C LYS A 149 -5.55 14.89 -10.19
N LYS A 150 -6.32 14.82 -9.11
N LYS A 150 -6.32 14.84 -9.10
CA LYS A 150 -5.84 15.24 -7.80
CA LYS A 150 -5.80 15.26 -7.81
C LYS A 150 -4.67 14.38 -7.31
C LYS A 150 -4.61 14.42 -7.39
N ILE A 151 -4.61 13.15 -7.81
CA ILE A 151 -3.49 12.25 -7.51
C ILE A 151 -2.22 12.74 -8.25
N LYS A 152 -2.38 13.16 -9.51
CA LYS A 152 -1.25 13.70 -10.26
C LYS A 152 -0.74 14.98 -9.64
N LYS A 153 -1.65 15.84 -9.16
CA LYS A 153 -1.24 17.07 -8.50
C LYS A 153 -0.39 16.75 -7.28
N ALA A 154 -0.80 15.75 -6.51
CA ALA A 154 -0.05 15.35 -5.32
C ALA A 154 1.33 14.83 -5.70
N LEU A 155 1.41 14.04 -6.76
CA LEU A 155 2.70 13.53 -7.25
C LEU A 155 3.62 14.66 -7.65
N ASN A 156 3.06 15.67 -8.30
CA ASN A 156 3.86 16.79 -8.77
C ASN A 156 4.52 17.56 -7.64
N LYS A 157 3.91 17.52 -6.46
CA LYS A 157 4.47 18.19 -5.29
C LYS A 157 5.73 17.50 -4.78
N VAL A 158 5.84 16.19 -4.99
CA VAL A 158 7.05 15.47 -4.60
C VAL A 158 7.96 15.25 -5.81
N SER A 159 7.78 16.08 -6.83
CA SER A 159 8.60 16.07 -8.04
C SER A 159 8.53 14.75 -8.79
N LEU A 160 7.36 14.12 -8.77
CA LEU A 160 7.13 12.89 -9.51
C LEU A 160 6.09 13.09 -10.61
N VAL A 161 6.21 12.31 -11.67
CA VAL A 161 5.20 12.29 -12.70
C VAL A 161 4.75 10.84 -12.89
N LEU A 162 3.48 10.68 -13.24
CA LEU A 162 2.87 9.36 -13.30
C LEU A 162 3.53 8.44 -14.33
N THR A 163 4.09 9.01 -15.40
CA THR A 163 4.71 8.21 -16.45
C THR A 163 5.89 7.39 -15.94
N LYS A 164 6.48 7.79 -14.83
CA LYS A 164 7.61 7.08 -14.25
C LYS A 164 7.19 5.78 -13.55
N PHE A 165 5.90 5.66 -13.26
CA PHE A 165 5.39 4.51 -12.52
C PHE A 165 5.22 3.27 -13.41
N VAL A 166 5.37 2.10 -12.80
CA VAL A 166 5.00 0.84 -13.44
C VAL A 166 3.49 0.74 -13.49
N VAL A 167 2.94 0.40 -14.66
CA VAL A 167 1.50 0.17 -14.81
C VAL A 167 1.22 -1.31 -14.89
N THR A 168 0.30 -1.81 -14.07
CA THR A 168 0.09 -3.26 -13.99
C THR A 168 -1.11 -3.82 -14.75
N LYS A 169 -1.95 -2.97 -15.31
CA LYS A 169 -3.20 -3.44 -15.93
C LYS A 169 -2.96 -4.37 -17.12
N ASP A 170 -1.77 -4.30 -17.71
CA ASP A 170 -1.42 -5.13 -18.86
C ASP A 170 -0.71 -6.41 -18.43
N LEU A 171 -0.28 -6.46 -17.17
CA LEU A 171 0.42 -7.62 -16.66
C LEU A 171 -0.53 -8.78 -16.39
N ASP A 172 0.02 -9.98 -16.29
CA ASP A 172 -0.78 -11.15 -15.93
C ASP A 172 -1.02 -11.14 -14.42
N CYS A 173 -1.85 -10.21 -13.96
CA CYS A 173 -2.21 -10.17 -12.55
C CYS A 173 -3.27 -11.23 -12.24
N LYS A 174 -3.06 -11.96 -11.15
CA LYS A 174 -4.10 -12.81 -10.59
C LYS A 174 -4.36 -12.32 -9.18
N TYR A 175 -5.64 -12.15 -8.85
CA TYR A 175 -6.03 -11.62 -7.55
C TYR A 175 -6.84 -12.62 -6.74
N ASP A 176 -6.63 -12.62 -5.43
CA ASP A 176 -7.57 -13.28 -4.53
C ASP A 176 -8.45 -12.18 -3.95
N ASP A 177 -9.59 -11.98 -4.58
CA ASP A 177 -10.53 -10.94 -4.15
C ASP A 177 -11.36 -11.37 -2.94
N LYS A 178 -11.60 -12.68 -2.79
CA LYS A 178 -12.41 -13.16 -1.68
C LYS A 178 -11.69 -13.02 -0.34
N PHE A 179 -10.38 -13.21 -0.33
CA PHE A 179 -9.57 -12.98 0.86
C PHE A 179 -9.80 -11.56 1.38
N LEU A 180 -9.83 -10.60 0.48
CA LEU A 180 -10.02 -9.21 0.87
C LEU A 180 -11.49 -8.85 1.16
N SER A 181 -12.42 -9.36 0.38
CA SER A 181 -13.81 -8.99 0.58
C SER A 181 -14.32 -9.56 1.91
N SER A 182 -13.77 -10.70 2.30
CA SER A 182 -14.18 -11.38 3.52
C SER A 182 -13.41 -10.92 4.75
N TRP A 183 -12.54 -9.93 4.59
CA TRP A 183 -11.72 -9.43 5.69
C TRP A 183 -12.61 -8.93 6.85
N GLN A 184 -12.38 -9.52 8.02
CA GLN A 184 -13.11 -9.21 9.26
C GLN A 184 -14.58 -9.61 9.25
N LYS A 185 -14.98 -10.42 8.28
CA LYS A 185 -16.37 -10.88 8.22
C LYS A 185 -16.56 -12.23 8.91
N GLY B 1 6.17 -3.68 -0.08
CA GLY B 1 6.74 -2.87 -1.14
C GLY B 1 7.83 -1.95 -0.64
N GLY B 2 8.90 -1.81 -1.45
CA GLY B 2 10.00 -0.92 -1.10
C GLY B 2 11.22 -1.64 -0.55
N GLY B 3 10.99 -2.82 0.03
CA GLY B 3 12.05 -3.56 0.70
C GLY B 3 13.08 -4.10 -0.27
CHA HEM C . 6.80 -7.39 0.44
CHB HEM C . 5.89 -5.31 -3.79
CHC HEM C . 2.70 -2.34 -1.67
CHD HEM C . 3.46 -4.54 2.56
C1A HEM C . 6.87 -7.05 -0.88
C2A HEM C . 7.82 -7.57 -1.83
C3A HEM C . 7.56 -7.00 -3.01
C4A HEM C . 6.46 -6.09 -2.83
CMA HEM C . 8.31 -7.23 -4.33
CAA HEM C . 8.91 -8.62 -1.54
CBA HEM C . 8.38 -10.00 -1.91
CGA HEM C . 9.47 -11.03 -1.81
O1A HEM C . 10.40 -10.87 -0.98
O2A HEM C . 9.40 -12.03 -2.56
C1B HEM C . 4.92 -4.36 -3.59
C2B HEM C . 4.31 -3.58 -4.63
C3B HEM C . 3.43 -2.76 -4.08
C4B HEM C . 3.43 -2.98 -2.64
CMB HEM C . 4.64 -3.66 -6.14
CAB HEM C . 2.60 -1.76 -4.91
CBB HEM C . 1.53 -1.14 -4.43
C1C HEM C . 2.66 -2.65 -0.34
C2C HEM C . 1.88 -1.98 0.67
C3C HEM C . 2.09 -2.59 1.85
C4C HEM C . 3.00 -3.68 1.61
CMC HEM C . 1.00 -0.75 0.37
CAC HEM C . 1.48 -2.29 3.24
CBC HEM C . 0.30 -1.67 3.39
C1D HEM C . 4.41 -5.51 2.38
C2D HEM C . 4.88 -6.39 3.42
C3D HEM C . 5.91 -7.27 2.74
C4D HEM C . 5.96 -6.84 1.37
CMD HEM C . 4.42 -6.44 4.88
CAD HEM C . 6.74 -8.40 3.38
CBD HEM C . 5.92 -9.67 3.28
CGD HEM C . 6.68 -10.78 3.95
O1D HEM C . 6.06 -11.83 4.28
O2D HEM C . 7.92 -10.61 4.16
NA HEM C . 6.05 -6.14 -1.50
NB HEM C . 4.35 -3.98 -2.38
NC HEM C . 3.35 -3.69 0.27
ND HEM C . 5.07 -5.80 1.19
FE HEM C . 4.69 -4.93 -0.60
C1 GOL D . 0.17 -10.24 14.07
O1 GOL D . 1.25 -10.25 14.97
C2 GOL D . -0.14 -8.79 13.69
O2 GOL D . 1.01 -8.01 13.93
C3 GOL D . -0.47 -8.74 12.21
O3 GOL D . -1.71 -8.08 12.00
#